data_1FS0
#
_entry.id   1FS0
#
_cell.length_a   76.720
_cell.length_b   176.090
_cell.length_c   67.070
_cell.angle_alpha   90.00
_cell.angle_beta   90.00
_cell.angle_gamma   90.00
#
_symmetry.space_group_name_H-M   'C 2 2 21'
#
loop_
_entity.id
_entity.type
_entity.pdbx_description
1 polymer 'ATP SYNTHASE EPSILON SUBUNIT'
2 polymer 'ATP SYNTHASE GAMMA SUBUNIT'
3 water water
#
loop_
_entity_poly.entity_id
_entity_poly.type
_entity_poly.pdbx_seq_one_letter_code
_entity_poly.pdbx_strand_id
1 'polypeptide(L)'
;AMTYHLDVVSAEQQMFSGLVEKIQVTGSEGELGIYPGHAPLLTAIKPGMIRIVKQHGHEEFIYLSGGILEVQPGNVTVLA
DTAIRGQDLDEARAMEAKRKAEEHISSSHGDVDYAQASAELAKAIAQLRVIELTKKAM
;
E
2 'polypeptide(L)'
;KITKAMEMVAASKMRKSQDRMAASRPYAETMRKVIGHLAHGNLEYKHPYLEDRDVKRVGYLVVSTDRGLCGGLNINLFKK
LLAEMKTWTDKGVQCDLAMIGSKGVSFFNSVGGNVVAQVTGMGDNPSLSELIGPVKVMLQAYDEGRLDKLYIVSNKFINT
MSQVPTISQLLPLPASDDDDLKHKSWDYLYEPDPKALLDTLLRRYVESQVYQGVVENLASEQAARMVAMK
;
G
#
# COMPACT_ATOMS: atom_id res chain seq x y z
N ALA A 1 25.63 26.47 3.04
CA ALA A 1 25.10 26.52 4.43
C ALA A 1 23.75 27.23 4.46
N MET A 2 23.39 27.73 5.64
CA MET A 2 22.14 28.45 5.83
C MET A 2 20.87 27.61 5.66
N THR A 3 20.63 27.01 4.50
CA THR A 3 19.43 26.19 4.34
C THR A 3 19.63 24.91 3.55
N TYR A 4 18.69 23.99 3.71
CA TYR A 4 18.68 22.72 2.96
C TYR A 4 17.22 22.40 2.65
N HIS A 5 16.96 21.57 1.65
CA HIS A 5 15.58 21.24 1.33
C HIS A 5 15.07 20.10 2.19
N LEU A 6 13.90 20.31 2.77
CA LEU A 6 13.24 19.31 3.61
C LEU A 6 11.92 18.82 3.00
N ASP A 7 11.71 17.49 3.04
CA ASP A 7 10.46 16.89 2.61
C ASP A 7 9.97 16.08 3.78
N VAL A 8 8.70 16.26 4.14
CA VAL A 8 8.07 15.49 5.20
C VAL A 8 6.88 14.87 4.48
N VAL A 9 6.85 13.55 4.36
CA VAL A 9 5.76 12.89 3.65
C VAL A 9 5.39 11.60 4.34
N SER A 10 4.12 11.22 4.23
CA SER A 10 3.62 9.97 4.79
C SER A 10 3.21 9.16 3.55
N ALA A 11 2.81 7.90 3.73
CA ALA A 11 2.34 7.05 2.64
C ALA A 11 1.10 7.68 1.95
N GLU A 12 0.38 8.54 2.68
CA GLU A 12 -0.83 9.16 2.16
C GLU A 12 -0.71 10.58 1.64
N GLN A 13 0.22 11.37 2.17
CA GLN A 13 0.29 12.75 1.72
C GLN A 13 1.62 13.44 1.86
N GLN A 14 1.70 14.61 1.23
CA GLN A 14 2.89 15.43 1.26
C GLN A 14 2.60 16.46 2.33
N MET A 15 3.28 16.33 3.46
CA MET A 15 3.06 17.21 4.59
C MET A 15 3.84 18.52 4.58
N PHE A 16 5.07 18.49 4.12
CA PHE A 16 5.86 19.72 4.07
C PHE A 16 6.94 19.57 3.01
N SER A 17 7.24 20.69 2.35
CA SER A 17 8.28 20.71 1.32
C SER A 17 8.80 22.14 1.22
N GLY A 18 10.11 22.34 1.36
CA GLY A 18 10.65 23.69 1.27
C GLY A 18 12.02 23.84 1.94
N LEU A 19 12.64 25.01 1.78
CA LEU A 19 13.95 25.26 2.40
C LEU A 19 13.81 25.51 3.90
N VAL A 20 14.70 24.92 4.68
CA VAL A 20 14.62 25.12 6.13
C VAL A 20 16.03 25.40 6.66
N GLU A 21 16.11 26.08 7.80
CA GLU A 21 17.42 26.39 8.38
C GLU A 21 17.83 25.21 9.27
N LYS A 22 16.82 24.52 9.80
CA LYS A 22 17.05 23.35 10.63
C LYS A 22 15.76 22.69 11.11
N ILE A 23 15.88 21.45 11.61
CA ILE A 23 14.74 20.75 12.18
C ILE A 23 15.20 20.18 13.50
N GLN A 24 14.24 19.96 14.38
CA GLN A 24 14.49 19.35 15.67
C GLN A 24 13.47 18.21 15.72
N VAL A 25 13.94 17.00 16.03
CA VAL A 25 13.07 15.82 16.07
C VAL A 25 13.67 14.80 17.00
N THR A 26 12.83 14.01 17.66
CA THR A 26 13.35 13.01 18.56
C THR A 26 13.67 11.72 17.83
N GLY A 27 14.96 11.38 17.82
CA GLY A 27 15.40 10.16 17.17
C GLY A 27 15.24 8.97 18.08
N SER A 28 15.49 7.77 17.57
CA SER A 28 15.35 6.57 18.39
C SER A 28 16.44 6.48 19.45
N GLU A 29 17.59 7.07 19.17
CA GLU A 29 18.71 7.04 20.11
C GLU A 29 18.94 8.35 20.84
N GLY A 30 18.22 9.39 20.46
CA GLY A 30 18.40 10.67 21.11
C GLY A 30 17.84 11.84 20.34
N GLU A 31 18.03 13.05 20.88
CA GLU A 31 17.54 14.26 20.25
C GLU A 31 18.35 14.59 19.02
N LEU A 32 17.67 15.12 18.00
CA LEU A 32 18.35 15.46 16.78
C LEU A 32 18.06 16.88 16.32
N GLY A 33 19.14 17.62 16.07
CA GLY A 33 19.06 18.96 15.58
C GLY A 33 19.82 18.86 14.26
N ILE A 34 19.11 18.86 13.14
CA ILE A 34 19.76 18.73 11.83
C ILE A 34 19.96 20.05 11.13
N TYR A 35 21.22 20.44 10.96
CA TYR A 35 21.55 21.69 10.29
C TYR A 35 22.08 21.39 8.91
N PRO A 36 22.30 22.45 8.10
CA PRO A 36 22.83 22.21 6.76
C PRO A 36 24.22 21.59 6.92
N GLY A 37 24.57 20.65 6.04
CA GLY A 37 25.89 20.06 6.13
C GLY A 37 25.97 18.83 7.03
N HIS A 38 24.87 18.48 7.67
CA HIS A 38 24.90 17.29 8.53
C HIS A 38 25.28 16.08 7.66
N ALA A 39 26.02 15.14 8.22
CA ALA A 39 26.43 13.96 7.45
C ALA A 39 25.25 13.03 7.15
N PRO A 40 25.37 12.18 6.12
CA PRO A 40 24.30 11.24 5.77
C PRO A 40 23.87 10.40 6.98
N LEU A 41 22.56 10.29 7.18
CA LEU A 41 22.03 9.56 8.35
C LEU A 41 20.68 8.92 8.05
N LEU A 42 20.47 7.75 8.63
CA LEU A 42 19.23 7.01 8.48
C LEU A 42 18.87 6.50 9.87
N THR A 43 17.72 6.93 10.38
CA THR A 43 17.30 6.49 11.71
C THR A 43 15.81 6.59 11.86
N ALA A 44 15.27 5.81 12.79
CA ALA A 44 13.85 5.90 13.05
C ALA A 44 13.73 7.06 14.01
N ILE A 45 12.55 7.68 14.06
CA ILE A 45 12.30 8.75 15.00
C ILE A 45 11.15 8.25 15.88
N LYS A 46 10.85 8.96 16.96
CA LYS A 46 9.76 8.56 17.85
C LYS A 46 8.53 9.43 17.62
N PRO A 47 7.36 8.97 18.07
CA PRO A 47 6.17 9.79 17.88
C PRO A 47 6.43 11.11 18.60
N GLY A 48 5.89 12.20 18.09
CA GLY A 48 6.11 13.48 18.72
C GLY A 48 6.14 14.59 17.70
N MET A 49 6.44 15.79 18.17
CA MET A 49 6.51 16.96 17.30
C MET A 49 7.85 17.11 16.62
N ILE A 50 7.80 17.60 15.38
CA ILE A 50 9.01 17.92 14.67
C ILE A 50 8.96 19.44 14.64
N ARG A 51 10.07 20.06 15.01
CA ARG A 51 10.16 21.51 14.99
C ARG A 51 10.97 21.87 13.76
N ILE A 52 10.36 22.69 12.90
CA ILE A 52 10.98 23.11 11.65
C ILE A 52 11.24 24.61 11.66
N VAL A 53 12.51 25.01 11.52
CA VAL A 53 12.84 26.43 11.43
C VAL A 53 12.98 26.66 9.92
N LYS A 54 11.91 27.14 9.33
CA LYS A 54 11.86 27.37 7.91
C LYS A 54 12.78 28.49 7.48
N GLN A 55 13.01 28.59 6.18
CA GLN A 55 13.84 29.66 5.65
C GLN A 55 13.21 30.98 6.10
N HIS A 56 14.05 31.88 6.61
CA HIS A 56 13.64 33.20 7.10
C HIS A 56 13.17 33.18 8.55
N GLY A 57 13.62 32.18 9.30
CA GLY A 57 13.30 32.10 10.72
C GLY A 57 11.93 31.67 11.21
N HIS A 58 10.94 31.62 10.33
CA HIS A 58 9.59 31.23 10.76
C HIS A 58 9.55 29.80 11.29
N GLU A 59 9.03 29.63 12.50
CA GLU A 59 8.97 28.32 13.12
C GLU A 59 7.64 27.63 12.82
N GLU A 60 7.68 26.30 12.66
CA GLU A 60 6.49 25.52 12.39
C GLU A 60 6.60 24.16 13.08
N PHE A 61 5.48 23.70 13.64
CA PHE A 61 5.45 22.41 14.32
C PHE A 61 4.47 21.47 13.65
N ILE A 62 4.83 20.20 13.60
CA ILE A 62 4.00 19.18 12.99
C ILE A 62 4.12 17.94 13.89
N TYR A 63 2.98 17.38 14.27
CA TYR A 63 2.98 16.19 15.10
C TYR A 63 3.11 14.98 14.19
N LEU A 64 4.06 14.10 14.50
CA LEU A 64 4.28 12.91 13.69
C LEU A 64 4.04 11.70 14.57
N SER A 65 3.44 10.66 13.99
CA SER A 65 3.18 9.42 14.71
C SER A 65 4.45 8.56 14.77
N GLY A 66 5.54 9.06 14.20
CA GLY A 66 6.78 8.29 14.16
C GLY A 66 7.23 8.16 12.72
N GLY A 67 8.18 7.26 12.46
CA GLY A 67 8.68 7.06 11.12
C GLY A 67 10.20 6.99 10.95
N ILE A 68 10.67 7.33 9.75
CA ILE A 68 12.09 7.28 9.40
C ILE A 68 12.64 8.64 8.94
N LEU A 69 13.83 9.00 9.43
CA LEU A 69 14.51 10.24 9.06
C LEU A 69 15.69 9.87 8.18
N GLU A 70 15.73 10.46 6.99
CA GLU A 70 16.81 10.20 6.05
C GLU A 70 17.51 11.51 5.68
N VAL A 71 18.81 11.56 5.95
CA VAL A 71 19.60 12.75 5.63
C VAL A 71 20.63 12.33 4.58
N GLN A 72 20.73 13.08 3.49
CA GLN A 72 21.72 12.79 2.45
C GLN A 72 22.24 14.13 1.96
N PRO A 73 23.27 14.15 1.08
CA PRO A 73 23.75 15.47 0.65
C PRO A 73 22.66 16.34 0.04
N GLY A 74 22.42 17.48 0.70
CA GLY A 74 21.37 18.35 0.25
C GLY A 74 20.11 17.97 1.01
N ASN A 75 19.22 17.23 0.35
CA ASN A 75 17.93 16.83 0.89
C ASN A 75 17.76 16.00 2.16
N VAL A 76 16.78 16.42 2.97
CA VAL A 76 16.44 15.69 4.17
C VAL A 76 14.98 15.27 3.97
N THR A 77 14.70 13.99 4.21
CA THR A 77 13.35 13.50 4.05
C THR A 77 12.84 12.80 5.30
N VAL A 78 11.71 13.26 5.84
CA VAL A 78 11.09 12.59 6.97
C VAL A 78 9.98 11.73 6.35
N LEU A 79 10.10 10.42 6.50
CA LEU A 79 9.11 9.49 5.96
C LEU A 79 8.24 9.14 7.19
N ALA A 80 7.15 9.87 7.36
CA ALA A 80 6.30 9.69 8.52
C ALA A 80 5.25 8.60 8.45
N ASP A 81 5.01 7.98 9.61
CA ASP A 81 3.95 6.97 9.74
C ASP A 81 2.62 7.72 9.83
N THR A 82 1.53 7.10 9.40
CA THR A 82 0.24 7.77 9.51
C THR A 82 -0.41 7.41 10.83
N ALA A 83 0.14 6.41 11.51
CA ALA A 83 -0.38 5.98 12.81
C ALA A 83 0.77 5.45 13.65
N ILE A 84 0.62 5.42 14.97
CA ILE A 84 1.72 4.93 15.79
C ILE A 84 1.94 3.45 15.49
N ARG A 85 3.14 3.11 15.04
CA ARG A 85 3.49 1.74 14.67
C ARG A 85 4.24 1.02 15.78
N GLY A 86 4.16 -0.31 15.79
CA GLY A 86 4.85 -1.11 16.80
C GLY A 86 4.43 -2.57 16.70
N GLN A 87 5.19 -3.48 17.30
CA GLN A 87 4.80 -4.87 17.21
C GLN A 87 3.41 -5.16 17.80
N ASP A 88 3.18 -4.76 19.04
CA ASP A 88 1.88 -5.02 19.68
C ASP A 88 0.71 -4.29 18.98
N LEU A 89 0.91 -3.02 18.64
CA LEU A 89 -0.15 -2.27 17.96
C LEU A 89 -0.49 -2.89 16.61
N ASP A 90 0.53 -3.18 15.81
CA ASP A 90 0.35 -3.77 14.49
C ASP A 90 -0.35 -5.13 14.65
N GLU A 91 0.09 -5.89 15.65
CA GLU A 91 -0.48 -7.21 15.88
C GLU A 91 -1.93 -7.11 16.29
N ALA A 92 -2.26 -6.07 17.05
CA ALA A 92 -3.65 -5.87 17.49
C ALA A 92 -4.50 -5.65 16.25
N ARG A 93 -3.94 -4.94 15.29
CA ARG A 93 -4.66 -4.64 14.05
C ARG A 93 -4.76 -5.91 13.23
N ALA A 94 -3.71 -6.73 13.27
CA ALA A 94 -3.75 -8.00 12.52
C ALA A 94 -4.83 -8.93 13.10
N MET A 95 -4.95 -8.96 14.43
CA MET A 95 -5.95 -9.83 15.06
C MET A 95 -7.34 -9.49 14.54
N GLU A 96 -7.66 -8.20 14.53
CA GLU A 96 -8.97 -7.79 14.05
C GLU A 96 -9.20 -8.24 12.62
N ALA A 97 -8.21 -8.04 11.74
CA ALA A 97 -8.34 -8.45 10.33
C ALA A 97 -8.62 -9.95 10.28
N LYS A 98 -7.92 -10.71 11.10
CA LYS A 98 -8.14 -12.16 11.15
C LYS A 98 -9.54 -12.50 11.73
N ARG A 99 -9.89 -11.92 12.89
CA ARG A 99 -11.20 -12.21 13.48
C ARG A 99 -12.32 -11.89 12.49
N LYS A 100 -12.20 -10.76 11.79
CA LYS A 100 -13.24 -10.40 10.83
C LYS A 100 -13.39 -11.45 9.74
N ALA A 101 -12.27 -12.04 9.32
CA ALA A 101 -12.32 -13.05 8.27
C ALA A 101 -12.78 -14.40 8.82
N GLU A 102 -12.52 -14.66 10.10
CA GLU A 102 -12.94 -15.92 10.73
C GLU A 102 -14.43 -15.95 11.09
N GLU A 103 -15.08 -14.79 11.00
CA GLU A 103 -16.49 -14.70 11.28
C GLU A 103 -17.23 -15.35 10.11
N HIS A 104 -16.50 -15.55 9.01
CA HIS A 104 -16.98 -16.15 7.76
C HIS A 104 -17.25 -15.12 6.65
N ASP A 111 -10.15 -27.09 -2.07
CA ASP A 111 -10.52 -25.74 -1.64
C ASP A 111 -10.69 -24.85 -2.87
N VAL A 112 -11.76 -24.06 -2.91
CA VAL A 112 -12.09 -23.20 -4.05
C VAL A 112 -12.58 -24.05 -5.24
N ASP A 113 -13.88 -23.95 -5.51
CA ASP A 113 -14.45 -24.67 -6.63
C ASP A 113 -14.30 -23.81 -7.88
N TYR A 114 -13.20 -24.03 -8.62
CA TYR A 114 -12.92 -23.26 -9.82
C TYR A 114 -14.04 -23.31 -10.85
N ALA A 115 -14.65 -24.48 -11.00
CA ALA A 115 -15.76 -24.66 -11.94
C ALA A 115 -16.95 -23.79 -11.54
N GLN A 116 -17.34 -23.84 -10.26
CA GLN A 116 -18.45 -23.01 -9.80
C GLN A 116 -18.11 -21.52 -9.98
N ALA A 117 -16.88 -21.16 -9.59
CA ALA A 117 -16.42 -19.78 -9.70
C ALA A 117 -16.57 -19.25 -11.13
N SER A 118 -16.09 -20.03 -12.09
CA SER A 118 -16.20 -19.63 -13.48
C SER A 118 -17.65 -19.44 -13.89
N ALA A 119 -18.49 -20.40 -13.50
CA ALA A 119 -19.90 -20.34 -13.83
C ALA A 119 -20.52 -19.06 -13.29
N GLU A 120 -20.24 -18.76 -12.02
CA GLU A 120 -20.79 -17.54 -11.43
C GLU A 120 -20.33 -16.31 -12.15
N LEU A 121 -19.07 -16.28 -12.58
CA LEU A 121 -18.59 -15.10 -13.29
C LEU A 121 -19.22 -15.00 -14.68
N ALA A 122 -19.32 -16.13 -15.38
CA ALA A 122 -19.93 -16.18 -16.71
C ALA A 122 -21.35 -15.61 -16.60
N LYS A 123 -22.07 -16.04 -15.57
CA LYS A 123 -23.42 -15.54 -15.35
C LYS A 123 -23.42 -14.02 -15.15
N ALA A 124 -22.59 -13.54 -14.22
CA ALA A 124 -22.53 -12.10 -13.95
C ALA A 124 -22.23 -11.32 -15.23
N ILE A 125 -21.32 -11.84 -16.03
CA ILE A 125 -20.96 -11.19 -17.28
C ILE A 125 -22.22 -11.09 -18.15
N ALA A 126 -22.95 -12.19 -18.22
CA ALA A 126 -24.18 -12.26 -18.99
C ALA A 126 -25.16 -11.19 -18.59
N GLN A 127 -25.32 -10.99 -17.29
CA GLN A 127 -26.24 -9.99 -16.78
C GLN A 127 -25.80 -8.56 -17.17
N LEU A 128 -24.49 -8.33 -17.22
CA LEU A 128 -24.03 -7.00 -17.60
C LEU A 128 -24.39 -6.75 -19.05
N ARG A 129 -24.21 -7.78 -19.87
CA ARG A 129 -24.51 -7.69 -21.30
C ARG A 129 -25.96 -7.29 -21.50
N VAL A 130 -26.84 -7.84 -20.68
CA VAL A 130 -28.25 -7.50 -20.77
C VAL A 130 -28.38 -6.00 -20.49
N ILE A 131 -27.83 -5.55 -19.36
CA ILE A 131 -27.87 -4.13 -19.01
C ILE A 131 -27.37 -3.30 -20.18
N GLU A 132 -26.24 -3.69 -20.76
CA GLU A 132 -25.70 -2.98 -21.91
C GLU A 132 -26.78 -2.85 -22.97
N LEU A 133 -27.28 -3.99 -23.45
CA LEU A 133 -28.32 -3.99 -24.47
C LEU A 133 -29.61 -3.40 -23.87
N THR A 134 -29.44 -2.70 -22.75
CA THR A 134 -30.53 -2.05 -22.02
C THR A 134 -31.48 -3.06 -21.40
N LYS B 1 -28.62 18.34 -18.72
CA LYS B 1 -28.51 19.06 -17.42
C LYS B 1 -28.37 18.07 -16.27
N ILE B 2 -28.96 16.90 -16.41
CA ILE B 2 -28.88 15.90 -15.37
C ILE B 2 -27.65 15.01 -15.60
N THR B 3 -27.23 14.87 -16.85
CA THR B 3 -26.04 14.06 -17.12
C THR B 3 -24.84 14.94 -16.79
N LYS B 4 -24.96 16.23 -17.07
CA LYS B 4 -23.90 17.18 -16.77
C LYS B 4 -23.69 17.25 -15.25
N ALA B 5 -24.78 17.18 -14.49
CA ALA B 5 -24.72 17.22 -13.04
C ALA B 5 -24.07 15.92 -12.58
N MET B 6 -24.50 14.83 -13.20
CA MET B 6 -23.97 13.50 -12.89
C MET B 6 -22.44 13.52 -13.10
N GLU B 7 -22.00 14.19 -14.16
CA GLU B 7 -20.57 14.24 -14.43
C GLU B 7 -19.82 15.13 -13.44
N MET B 8 -20.42 16.27 -13.04
CA MET B 8 -19.76 17.15 -12.08
C MET B 8 -19.54 16.39 -10.76
N VAL B 9 -20.56 15.68 -10.30
CA VAL B 9 -20.44 14.93 -9.06
C VAL B 9 -19.32 13.89 -9.16
N ALA B 10 -19.28 13.14 -10.27
CA ALA B 10 -18.22 12.15 -10.48
C ALA B 10 -16.84 12.80 -10.62
N ALA B 11 -16.75 13.91 -11.34
CA ALA B 11 -15.45 14.55 -11.51
C ALA B 11 -14.89 15.00 -10.16
N SER B 12 -15.77 15.46 -9.27
CA SER B 12 -15.31 15.92 -7.97
C SER B 12 -14.69 14.75 -7.18
N LYS B 13 -15.32 13.58 -7.20
CA LYS B 13 -14.77 12.42 -6.51
C LYS B 13 -13.48 11.93 -7.18
N MET B 14 -13.46 11.90 -8.51
CA MET B 14 -12.28 11.44 -9.26
C MET B 14 -11.06 12.31 -8.99
N ARG B 15 -11.25 13.61 -8.92
CA ARG B 15 -10.12 14.48 -8.65
C ARG B 15 -9.54 14.12 -7.26
N LYS B 16 -10.40 13.75 -6.32
CA LYS B 16 -9.98 13.39 -4.98
C LYS B 16 -9.14 12.10 -5.07
N SER B 17 -9.61 11.12 -5.83
CA SER B 17 -8.86 9.89 -5.95
C SER B 17 -7.52 10.08 -6.66
N GLN B 18 -7.50 10.97 -7.65
CA GLN B 18 -6.30 11.28 -8.43
C GLN B 18 -5.27 11.99 -7.55
N ASP B 19 -5.75 12.85 -6.65
CA ASP B 19 -4.85 13.54 -5.72
C ASP B 19 -4.24 12.48 -4.75
N ARG B 20 -5.07 11.56 -4.26
CA ARG B 20 -4.54 10.53 -3.37
C ARG B 20 -3.46 9.74 -4.09
N MET B 21 -3.73 9.31 -5.31
CA MET B 21 -2.73 8.57 -6.07
C MET B 21 -1.44 9.37 -6.16
N ALA B 22 -1.54 10.62 -6.60
CA ALA B 22 -0.36 11.46 -6.74
C ALA B 22 0.33 11.74 -5.41
N ALA B 23 -0.46 11.96 -4.34
CA ALA B 23 0.18 12.29 -3.07
C ALA B 23 0.88 11.08 -2.45
N SER B 24 0.54 9.89 -2.91
CA SER B 24 1.15 8.68 -2.34
C SER B 24 2.52 8.31 -2.93
N ARG B 25 2.88 8.90 -4.07
CA ARG B 25 4.15 8.55 -4.73
C ARG B 25 5.48 8.87 -4.04
N PRO B 26 5.69 10.12 -3.60
CA PRO B 26 6.94 10.50 -2.94
C PRO B 26 7.43 9.51 -1.88
N TYR B 27 6.54 9.14 -0.96
CA TYR B 27 6.90 8.23 0.12
C TYR B 27 7.36 6.88 -0.43
N ALA B 28 6.62 6.34 -1.39
CA ALA B 28 6.97 5.04 -1.96
C ALA B 28 8.26 5.07 -2.77
N GLU B 29 8.42 6.12 -3.57
CA GLU B 29 9.60 6.22 -4.40
C GLU B 29 10.87 6.54 -3.60
N THR B 30 10.77 7.35 -2.56
CA THR B 30 11.95 7.63 -1.75
C THR B 30 12.37 6.36 -1.04
N MET B 31 11.38 5.65 -0.51
CA MET B 31 11.60 4.42 0.22
C MET B 31 12.30 3.39 -0.67
N ARG B 32 11.83 3.28 -1.91
CA ARG B 32 12.37 2.31 -2.84
C ARG B 32 13.85 2.61 -3.14
N LYS B 33 14.20 3.88 -3.22
CA LYS B 33 15.58 4.25 -3.48
C LYS B 33 16.46 4.00 -2.27
N VAL B 34 15.94 4.23 -1.07
CA VAL B 34 16.73 4.02 0.12
C VAL B 34 16.97 2.53 0.26
N ILE B 35 15.94 1.73 -0.02
CA ILE B 35 16.05 0.28 0.06
C ILE B 35 17.13 -0.16 -0.93
N GLY B 36 17.12 0.42 -2.12
CA GLY B 36 18.12 0.10 -3.12
C GLY B 36 19.51 0.33 -2.58
N HIS B 37 19.70 1.47 -1.92
CA HIS B 37 20.99 1.82 -1.34
C HIS B 37 21.41 0.73 -0.34
N LEU B 38 20.53 0.41 0.62
CA LEU B 38 20.80 -0.59 1.64
C LEU B 38 20.92 -2.02 1.16
N ALA B 39 20.13 -2.39 0.15
CA ALA B 39 20.16 -3.76 -0.35
C ALA B 39 21.41 -4.01 -1.16
N HIS B 40 22.04 -2.94 -1.65
CA HIS B 40 23.25 -3.09 -2.42
C HIS B 40 24.43 -3.14 -1.47
N TYR B 45 24.55 -11.22 5.16
CA TYR B 45 23.18 -11.53 5.50
C TYR B 45 22.20 -10.95 4.49
N LYS B 46 21.53 -11.83 3.76
CA LYS B 46 20.55 -11.38 2.78
C LYS B 46 19.15 -11.50 3.42
N HIS B 47 18.42 -10.39 3.44
CA HIS B 47 17.05 -10.36 4.00
C HIS B 47 16.18 -11.28 3.15
N PRO B 48 15.34 -12.11 3.80
CA PRO B 48 14.43 -13.07 3.15
C PRO B 48 13.59 -12.48 2.03
N TYR B 49 13.19 -11.21 2.19
CA TYR B 49 12.36 -10.54 1.19
C TYR B 49 13.13 -10.23 -0.08
N LEU B 50 14.45 -10.38 -0.07
CA LEU B 50 15.25 -10.03 -1.25
C LEU B 50 15.77 -11.20 -2.04
N GLU B 51 15.36 -12.41 -1.69
CA GLU B 51 15.83 -13.57 -2.42
C GLU B 51 14.72 -14.59 -2.68
N ASP B 52 14.86 -15.32 -3.78
CA ASP B 52 13.89 -16.33 -4.12
C ASP B 52 14.20 -17.56 -3.28
N ARG B 53 13.17 -18.37 -3.05
CA ARG B 53 13.35 -19.61 -2.31
C ARG B 53 12.30 -20.55 -2.87
N ASP B 54 12.39 -21.83 -2.53
CA ASP B 54 11.43 -22.81 -3.02
C ASP B 54 10.02 -22.40 -2.64
N VAL B 55 9.12 -22.39 -3.62
CA VAL B 55 7.75 -21.96 -3.43
C VAL B 55 6.75 -23.06 -3.05
N LYS B 56 6.35 -23.11 -1.78
CA LYS B 56 5.38 -24.11 -1.28
C LYS B 56 3.99 -23.52 -1.10
N ARG B 57 3.89 -22.25 -0.73
CA ARG B 57 2.59 -21.62 -0.55
C ARG B 57 2.72 -20.17 -1.02
N VAL B 58 1.65 -19.64 -1.62
CA VAL B 58 1.64 -18.26 -2.11
C VAL B 58 0.53 -17.43 -1.48
N GLY B 59 0.77 -16.12 -1.42
CA GLY B 59 -0.21 -15.22 -0.83
C GLY B 59 -0.65 -14.07 -1.72
N TYR B 60 -1.96 -13.75 -1.65
CA TYR B 60 -2.52 -12.64 -2.42
C TYR B 60 -3.29 -11.60 -1.58
N LEU B 61 -2.96 -10.33 -1.79
CA LEU B 61 -3.67 -9.23 -1.16
C LEU B 61 -4.56 -8.83 -2.33
N VAL B 62 -5.86 -9.07 -2.16
CA VAL B 62 -6.82 -8.81 -3.21
C VAL B 62 -7.68 -7.60 -2.98
N VAL B 63 -7.68 -6.70 -3.96
CA VAL B 63 -8.46 -5.49 -3.89
C VAL B 63 -9.72 -5.56 -4.75
N SER B 64 -10.86 -5.57 -4.08
CA SER B 64 -12.14 -5.57 -4.75
C SER B 64 -12.83 -4.31 -4.23
N THR B 65 -13.87 -3.86 -4.90
CA THR B 65 -14.60 -2.68 -4.41
C THR B 65 -15.53 -3.06 -3.27
N ASP B 66 -16.08 -2.05 -2.61
CA ASP B 66 -17.04 -2.26 -1.53
C ASP B 66 -18.45 -2.09 -2.09
N ARG B 67 -18.55 -1.45 -3.26
CA ARG B 67 -19.85 -1.16 -3.86
C ARG B 67 -20.05 -1.67 -5.30
N GLY B 68 -21.31 -1.89 -5.66
CA GLY B 68 -21.64 -2.39 -6.98
C GLY B 68 -21.70 -1.32 -8.05
N LEU B 69 -22.44 -1.61 -9.11
CA LEU B 69 -22.57 -0.70 -10.24
C LEU B 69 -21.21 -0.20 -10.74
N CYS B 70 -20.29 -1.14 -11.02
CA CYS B 70 -18.98 -0.80 -11.54
C CYS B 70 -18.68 -1.77 -12.66
N GLY B 71 -19.70 -2.13 -13.41
CA GLY B 71 -19.48 -3.07 -14.50
C GLY B 71 -18.72 -4.32 -14.12
N GLY B 72 -17.73 -4.68 -14.94
CA GLY B 72 -16.94 -5.87 -14.67
C GLY B 72 -15.59 -5.64 -14.00
N LEU B 73 -15.45 -4.52 -13.29
CA LEU B 73 -14.17 -4.20 -12.61
C LEU B 73 -13.70 -5.33 -11.70
N ASN B 74 -14.59 -5.81 -10.83
CA ASN B 74 -14.22 -6.92 -9.93
C ASN B 74 -14.16 -8.25 -10.69
N ILE B 75 -15.19 -8.51 -11.49
CA ILE B 75 -15.29 -9.75 -12.28
C ILE B 75 -14.04 -10.06 -13.08
N ASN B 76 -13.56 -9.10 -13.86
CA ASN B 76 -12.38 -9.34 -14.66
C ASN B 76 -11.14 -9.59 -13.81
N LEU B 77 -11.06 -8.94 -12.66
CA LEU B 77 -9.90 -9.14 -11.79
C LEU B 77 -9.96 -10.54 -11.17
N PHE B 78 -11.13 -10.91 -10.65
CA PHE B 78 -11.31 -12.22 -10.02
C PHE B 78 -10.97 -13.32 -11.03
N LYS B 79 -11.42 -13.14 -12.25
CA LYS B 79 -11.14 -14.10 -13.31
C LYS B 79 -9.62 -14.29 -13.44
N LYS B 80 -8.88 -13.19 -13.55
CA LYS B 80 -7.44 -13.26 -13.71
C LYS B 80 -6.77 -13.94 -12.50
N LEU B 81 -7.24 -13.66 -11.29
CA LEU B 81 -6.68 -14.26 -10.07
C LEU B 81 -6.95 -15.77 -9.96
N LEU B 82 -8.17 -16.18 -10.29
CA LEU B 82 -8.52 -17.60 -10.22
C LEU B 82 -7.65 -18.42 -11.16
N ALA B 83 -7.42 -17.90 -12.36
CA ALA B 83 -6.57 -18.60 -13.32
C ALA B 83 -5.20 -18.85 -12.67
N GLU B 84 -4.63 -17.82 -12.05
CA GLU B 84 -3.32 -17.99 -11.43
C GLU B 84 -3.32 -18.91 -10.21
N MET B 85 -4.36 -18.80 -9.39
CA MET B 85 -4.44 -19.65 -8.20
C MET B 85 -4.44 -21.14 -8.60
N LYS B 86 -5.25 -21.46 -9.60
CA LYS B 86 -5.38 -22.85 -10.06
C LYS B 86 -4.05 -23.40 -10.53
N THR B 87 -3.30 -22.63 -11.33
CA THR B 87 -2.02 -23.13 -11.78
C THR B 87 -1.15 -23.48 -10.58
N TRP B 88 -1.31 -22.76 -9.47
CA TRP B 88 -0.52 -23.03 -8.25
C TRP B 88 -1.02 -24.27 -7.52
N THR B 89 -2.32 -24.29 -7.26
CA THR B 89 -2.90 -25.41 -6.53
C THR B 89 -2.77 -26.70 -7.32
N ASP B 90 -2.76 -26.61 -8.65
CA ASP B 90 -2.59 -27.80 -9.49
C ASP B 90 -1.24 -28.42 -9.21
N LYS B 91 -0.27 -27.59 -8.81
CA LYS B 91 1.10 -28.03 -8.52
C LYS B 91 1.33 -28.31 -7.03
N GLY B 92 0.27 -28.34 -6.23
CA GLY B 92 0.45 -28.61 -4.82
C GLY B 92 0.85 -27.40 -3.96
N VAL B 93 0.74 -26.20 -4.53
CA VAL B 93 1.09 -24.95 -3.83
C VAL B 93 -0.18 -24.32 -3.27
N GLN B 94 -0.27 -24.20 -1.94
CA GLN B 94 -1.43 -23.62 -1.28
C GLN B 94 -1.48 -22.09 -1.40
N CYS B 95 -2.69 -21.54 -1.44
CA CYS B 95 -2.86 -20.09 -1.57
C CYS B 95 -3.65 -19.50 -0.43
N ASP B 96 -3.11 -18.43 0.17
CA ASP B 96 -3.78 -17.70 1.23
C ASP B 96 -4.23 -16.36 0.62
N LEU B 97 -5.40 -15.88 1.03
CA LEU B 97 -5.91 -14.63 0.50
C LEU B 97 -6.20 -13.62 1.60
N ALA B 98 -5.76 -12.39 1.39
CA ALA B 98 -6.02 -11.29 2.33
C ALA B 98 -6.94 -10.43 1.47
N MET B 99 -8.21 -10.37 1.87
CA MET B 99 -9.24 -9.69 1.10
C MET B 99 -9.51 -8.25 1.50
N ILE B 100 -9.50 -7.36 0.51
CA ILE B 100 -9.76 -5.95 0.74
C ILE B 100 -11.05 -5.63 -0.02
N GLY B 101 -12.09 -5.21 0.69
CA GLY B 101 -13.33 -4.89 0.03
C GLY B 101 -14.42 -5.96 0.15
N SER B 102 -15.65 -5.50 0.29
CA SER B 102 -16.82 -6.36 0.45
C SER B 102 -17.11 -7.32 -0.68
N LYS B 103 -17.11 -6.81 -1.91
CA LYS B 103 -17.39 -7.68 -3.06
C LYS B 103 -16.48 -8.90 -3.08
N GLY B 104 -15.19 -8.68 -2.80
CA GLY B 104 -14.24 -9.77 -2.82
C GLY B 104 -14.53 -10.77 -1.72
N VAL B 105 -14.91 -10.25 -0.56
CA VAL B 105 -15.21 -11.11 0.56
C VAL B 105 -16.43 -11.97 0.27
N SER B 106 -17.45 -11.38 -0.33
CA SER B 106 -18.63 -12.17 -0.60
C SER B 106 -18.33 -13.16 -1.73
N PHE B 107 -17.61 -12.74 -2.77
CA PHE B 107 -17.31 -13.68 -3.85
C PHE B 107 -16.57 -14.92 -3.36
N PHE B 108 -15.48 -14.73 -2.61
CA PHE B 108 -14.73 -15.87 -2.13
C PHE B 108 -15.37 -16.71 -1.05
N ASN B 109 -16.20 -16.10 -0.20
CA ASN B 109 -16.88 -16.89 0.80
C ASN B 109 -17.72 -17.90 0.01
N SER B 110 -18.27 -17.42 -1.11
CA SER B 110 -19.13 -18.24 -1.94
C SER B 110 -18.43 -19.36 -2.70
N VAL B 111 -17.33 -19.05 -3.39
CA VAL B 111 -16.64 -20.07 -4.19
C VAL B 111 -15.55 -20.84 -3.47
N GLY B 112 -15.35 -20.54 -2.20
CA GLY B 112 -14.31 -21.22 -1.46
C GLY B 112 -13.09 -20.32 -1.52
N GLY B 113 -12.00 -20.75 -0.91
CA GLY B 113 -10.81 -19.91 -0.91
C GLY B 113 -10.44 -19.75 0.53
N ASN B 114 -9.15 -19.62 0.80
CA ASN B 114 -8.70 -19.48 2.18
C ASN B 114 -8.44 -17.98 2.47
N VAL B 115 -9.46 -17.30 2.97
CA VAL B 115 -9.34 -15.90 3.31
C VAL B 115 -8.89 -15.85 4.75
N VAL B 116 -7.62 -15.52 4.95
CA VAL B 116 -7.03 -15.48 6.29
C VAL B 116 -7.18 -14.14 7.01
N ALA B 117 -7.62 -13.11 6.29
CA ALA B 117 -7.80 -11.81 6.92
C ALA B 117 -8.46 -10.87 5.91
N GLN B 118 -9.16 -9.86 6.40
CA GLN B 118 -9.83 -8.97 5.48
C GLN B 118 -10.08 -7.61 6.11
N VAL B 119 -10.39 -6.64 5.24
CA VAL B 119 -10.80 -5.31 5.66
C VAL B 119 -11.78 -4.84 4.59
N THR B 120 -12.97 -4.44 5.00
CA THR B 120 -13.98 -3.97 4.07
C THR B 120 -14.55 -2.63 4.54
N GLY B 121 -15.33 -1.99 3.67
CA GLY B 121 -15.97 -0.75 4.03
C GLY B 121 -15.15 0.52 4.10
N MET B 122 -14.11 0.63 3.28
CA MET B 122 -13.32 1.86 3.28
C MET B 122 -13.91 2.84 2.27
N GLY B 123 -14.54 2.30 1.22
CA GLY B 123 -15.17 3.16 0.24
C GLY B 123 -14.29 4.23 -0.39
N ASP B 124 -14.77 5.47 -0.38
CA ASP B 124 -14.02 6.58 -0.97
C ASP B 124 -12.86 7.07 -0.11
N ASN B 125 -12.74 6.52 1.10
CA ASN B 125 -11.68 6.95 2.02
C ASN B 125 -10.79 5.84 2.56
N PRO B 126 -10.01 5.20 1.69
CA PRO B 126 -9.13 4.13 2.18
C PRO B 126 -8.00 4.77 2.97
N SER B 127 -7.29 3.99 3.77
CA SER B 127 -6.21 4.53 4.56
C SER B 127 -5.15 3.48 4.81
N LEU B 128 -3.94 3.94 5.10
CA LEU B 128 -2.87 3.01 5.39
C LEU B 128 -3.20 2.29 6.66
N SER B 129 -3.70 3.02 7.66
CA SER B 129 -3.96 2.42 8.96
C SER B 129 -4.91 1.20 8.91
N GLU B 130 -5.87 1.22 8.01
CA GLU B 130 -6.79 0.08 7.90
C GLU B 130 -6.19 -1.09 7.15
N LEU B 131 -5.04 -0.88 6.52
CA LEU B 131 -4.33 -1.92 5.77
C LEU B 131 -3.15 -2.53 6.57
N ILE B 132 -2.78 -1.92 7.69
CA ILE B 132 -1.66 -2.44 8.49
C ILE B 132 -1.91 -3.87 8.90
N GLY B 133 -3.09 -4.13 9.48
CA GLY B 133 -3.47 -5.46 9.95
C GLY B 133 -3.43 -6.52 8.87
N PRO B 134 -4.23 -6.36 7.80
CA PRO B 134 -4.27 -7.32 6.70
C PRO B 134 -2.86 -7.61 6.17
N VAL B 135 -2.08 -6.55 5.97
CA VAL B 135 -0.73 -6.71 5.46
C VAL B 135 0.16 -7.45 6.45
N LYS B 136 0.05 -7.08 7.72
CA LYS B 136 0.83 -7.69 8.78
C LYS B 136 0.65 -9.22 8.80
N VAL B 137 -0.58 -9.69 8.67
CA VAL B 137 -0.85 -11.14 8.65
C VAL B 137 -0.03 -11.84 7.56
N MET B 138 0.04 -11.22 6.39
CA MET B 138 0.79 -11.81 5.28
C MET B 138 2.30 -11.67 5.44
N LEU B 139 2.74 -10.53 5.97
CA LEU B 139 4.18 -10.36 6.16
C LEU B 139 4.69 -11.38 7.16
N GLN B 140 3.93 -11.56 8.24
CA GLN B 140 4.30 -12.50 9.28
C GLN B 140 4.33 -13.95 8.78
N ALA B 141 3.36 -14.29 7.95
CA ALA B 141 3.32 -15.63 7.40
C ALA B 141 4.59 -15.82 6.54
N TYR B 142 5.01 -14.77 5.82
CA TYR B 142 6.23 -14.89 5.00
C TYR B 142 7.44 -15.02 5.94
N ASP B 143 7.47 -14.20 7.00
CA ASP B 143 8.57 -14.24 7.97
C ASP B 143 8.67 -15.63 8.57
N GLU B 144 7.52 -16.29 8.70
CA GLU B 144 7.50 -17.60 9.31
C GLU B 144 7.68 -18.77 8.38
N GLY B 145 7.93 -18.48 7.10
CA GLY B 145 8.11 -19.54 6.12
C GLY B 145 6.79 -20.10 5.61
N ARG B 146 5.68 -19.50 6.05
CA ARG B 146 4.36 -19.95 5.64
C ARG B 146 3.89 -19.41 4.26
N LEU B 147 4.62 -18.47 3.70
CA LEU B 147 4.35 -17.94 2.35
C LEU B 147 5.73 -17.76 1.69
N ASP B 148 5.80 -17.98 0.38
CA ASP B 148 7.07 -17.85 -0.33
C ASP B 148 6.95 -16.84 -1.45
N LYS B 149 5.76 -16.30 -1.59
CA LYS B 149 5.45 -15.27 -2.56
C LYS B 149 4.26 -14.51 -2.01
N LEU B 150 4.23 -13.22 -2.30
CA LEU B 150 3.15 -12.37 -1.87
C LEU B 150 2.91 -11.46 -3.05
N TYR B 151 1.67 -11.45 -3.52
CA TYR B 151 1.29 -10.63 -4.67
C TYR B 151 0.21 -9.65 -4.30
N ILE B 152 0.08 -8.62 -5.13
CA ILE B 152 -0.99 -7.67 -4.95
C ILE B 152 -1.85 -7.83 -6.19
N VAL B 153 -3.15 -7.96 -5.99
CA VAL B 153 -4.09 -8.11 -7.08
C VAL B 153 -5.03 -6.90 -7.11
N SER B 154 -4.92 -6.07 -8.14
CA SER B 154 -5.77 -4.89 -8.21
C SER B 154 -5.85 -4.32 -9.62
N ASN B 155 -6.65 -3.27 -9.77
CA ASN B 155 -6.80 -2.64 -11.07
C ASN B 155 -5.95 -1.39 -11.23
N LYS B 156 -5.15 -1.38 -12.30
CA LYS B 156 -4.29 -0.25 -12.60
C LYS B 156 -5.14 0.78 -13.31
N PHE B 157 -5.02 2.04 -12.88
CA PHE B 157 -5.79 3.14 -13.46
C PHE B 157 -5.05 3.79 -14.64
N ILE B 158 -5.75 3.96 -15.76
CA ILE B 158 -5.18 4.58 -16.96
C ILE B 158 -5.90 5.88 -17.31
N ASN B 159 -7.22 5.80 -17.48
CA ASN B 159 -8.03 6.97 -17.81
C ASN B 159 -9.50 6.63 -17.53
N THR B 160 -10.36 7.64 -17.53
CA THR B 160 -11.77 7.42 -17.23
C THR B 160 -12.48 6.32 -18.03
N MET B 161 -11.79 5.73 -18.99
CA MET B 161 -12.39 4.66 -19.81
C MET B 161 -11.54 3.40 -19.88
N SER B 162 -10.37 3.41 -19.22
CA SER B 162 -9.43 2.28 -19.23
C SER B 162 -8.78 1.90 -17.88
N GLN B 163 -9.05 0.68 -17.41
CA GLN B 163 -8.47 0.16 -16.16
C GLN B 163 -7.95 -1.26 -16.43
N VAL B 164 -6.81 -1.61 -15.89
CA VAL B 164 -6.28 -2.92 -16.15
C VAL B 164 -6.08 -3.85 -14.93
N PRO B 165 -6.74 -5.02 -14.95
CA PRO B 165 -6.63 -6.00 -13.86
C PRO B 165 -5.16 -6.39 -13.78
N THR B 166 -4.56 -6.29 -12.60
CA THR B 166 -3.15 -6.57 -12.46
C THR B 166 -2.72 -7.39 -11.24
N ILE B 167 -1.77 -8.30 -11.46
CA ILE B 167 -1.24 -9.11 -10.38
C ILE B 167 0.26 -8.85 -10.36
N SER B 168 0.75 -8.22 -9.29
CA SER B 168 2.18 -7.92 -9.23
C SER B 168 2.82 -8.59 -8.03
N GLN B 169 4.09 -8.92 -8.14
CA GLN B 169 4.79 -9.55 -7.03
C GLN B 169 5.35 -8.51 -6.07
N LEU B 170 5.05 -8.66 -4.78
CA LEU B 170 5.55 -7.72 -3.76
C LEU B 170 6.72 -8.37 -3.03
N LEU B 171 6.61 -9.67 -2.78
CA LEU B 171 7.71 -10.40 -2.14
C LEU B 171 7.91 -11.72 -2.88
N PRO B 172 9.18 -12.09 -3.13
CA PRO B 172 10.31 -11.25 -2.72
C PRO B 172 10.39 -10.01 -3.64
N LEU B 173 11.07 -8.97 -3.19
CA LEU B 173 11.19 -7.73 -3.93
C LEU B 173 11.69 -7.86 -5.36
N PRO B 174 10.99 -7.21 -6.31
CA PRO B 174 11.35 -7.24 -7.72
C PRO B 174 12.58 -6.37 -8.01
N LYS B 182 25.66 4.68 -10.74
CA LYS B 182 25.24 3.39 -10.23
C LYS B 182 25.00 3.43 -8.72
N HIS B 183 26.01 3.85 -7.97
CA HIS B 183 25.89 3.93 -6.52
C HIS B 183 26.52 5.21 -5.99
N LYS B 184 26.07 5.63 -4.81
CA LYS B 184 26.59 6.84 -4.19
C LYS B 184 28.00 6.62 -3.65
N SER B 185 28.79 7.69 -3.61
CA SER B 185 30.15 7.62 -3.10
C SER B 185 30.13 7.52 -1.56
N TRP B 186 29.11 8.10 -0.96
CA TRP B 186 28.95 8.12 0.50
C TRP B 186 28.03 7.01 1.04
N ASP B 187 28.03 6.85 2.36
CA ASP B 187 27.13 5.89 3.00
C ASP B 187 26.54 6.57 4.22
N TYR B 188 25.39 6.08 4.66
CA TYR B 188 24.70 6.63 5.83
C TYR B 188 25.30 6.21 7.14
N LEU B 189 25.08 7.04 8.16
CA LEU B 189 25.45 6.64 9.50
C LEU B 189 24.10 5.96 9.85
N TYR B 190 24.14 4.69 10.23
CA TYR B 190 22.92 3.97 10.56
C TYR B 190 22.65 3.88 12.05
N GLU B 191 21.50 4.38 12.49
CA GLU B 191 21.12 4.32 13.91
C GLU B 191 19.86 3.48 13.99
N PRO B 192 19.92 2.29 14.65
CA PRO B 192 21.03 1.59 15.32
C PRO B 192 22.02 0.91 14.38
N ASP B 193 21.49 0.23 13.37
CA ASP B 193 22.29 -0.47 12.40
C ASP B 193 21.49 -0.65 11.12
N PRO B 194 22.17 -0.91 9.99
CA PRO B 194 21.47 -1.09 8.72
C PRO B 194 20.49 -2.25 8.61
N LYS B 195 20.76 -3.33 9.33
CA LYS B 195 19.90 -4.52 9.30
C LYS B 195 18.50 -4.22 9.82
N ALA B 196 18.44 -3.66 11.04
CA ALA B 196 17.16 -3.31 11.63
C ALA B 196 16.39 -2.34 10.70
N LEU B 197 17.09 -1.29 10.26
CA LEU B 197 16.50 -0.28 9.38
C LEU B 197 15.97 -0.86 8.07
N LEU B 198 16.77 -1.68 7.41
CA LEU B 198 16.34 -2.28 6.16
C LEU B 198 15.07 -3.11 6.33
N ASP B 199 14.97 -3.83 7.44
CA ASP B 199 13.80 -4.65 7.71
C ASP B 199 12.55 -3.77 7.78
N THR B 200 12.63 -2.66 8.52
CA THR B 200 11.51 -1.74 8.65
C THR B 200 11.13 -1.10 7.31
N LEU B 201 12.13 -0.64 6.55
CA LEU B 201 11.86 -0.01 5.25
C LEU B 201 11.13 -0.97 4.32
N LEU B 202 11.55 -2.23 4.32
CA LEU B 202 10.92 -3.21 3.44
C LEU B 202 9.46 -3.40 3.83
N ARG B 203 9.17 -3.38 5.12
CA ARG B 203 7.76 -3.54 5.56
C ARG B 203 6.94 -2.30 5.16
N ARG B 204 7.49 -1.11 5.41
CA ARG B 204 6.83 0.14 5.04
C ARG B 204 6.62 0.23 3.53
N TYR B 205 7.62 -0.21 2.77
CA TYR B 205 7.47 -0.16 1.32
C TYR B 205 6.34 -1.08 0.83
N VAL B 206 6.25 -2.29 1.37
CA VAL B 206 5.19 -3.19 0.91
C VAL B 206 3.81 -2.63 1.29
N GLU B 207 3.70 -2.14 2.52
CA GLU B 207 2.46 -1.53 2.97
C GLU B 207 2.08 -0.41 2.00
N SER B 208 3.06 0.44 1.67
CA SER B 208 2.83 1.55 0.75
C SER B 208 2.27 1.09 -0.59
N GLN B 209 2.86 0.03 -1.14
CA GLN B 209 2.43 -0.49 -2.43
C GLN B 209 1.00 -1.03 -2.34
N VAL B 210 0.66 -1.64 -1.21
CA VAL B 210 -0.71 -2.13 -1.08
C VAL B 210 -1.65 -0.92 -1.04
N TYR B 211 -1.27 0.11 -0.28
CA TYR B 211 -2.08 1.33 -0.21
C TYR B 211 -2.26 1.94 -1.60
N GLN B 212 -1.18 2.00 -2.37
CA GLN B 212 -1.30 2.57 -3.69
C GLN B 212 -2.23 1.71 -4.54
N GLY B 213 -2.16 0.39 -4.37
CA GLY B 213 -3.03 -0.49 -5.14
C GLY B 213 -4.49 -0.23 -4.85
N VAL B 214 -4.78 -0.02 -3.58
CA VAL B 214 -6.14 0.29 -3.13
C VAL B 214 -6.63 1.63 -3.68
N VAL B 215 -5.83 2.70 -3.57
CA VAL B 215 -6.33 3.98 -4.06
C VAL B 215 -6.49 3.98 -5.57
N GLU B 216 -5.62 3.25 -6.26
CA GLU B 216 -5.75 3.17 -7.71
C GLU B 216 -7.02 2.39 -8.09
N ASN B 217 -7.30 1.33 -7.34
CA ASN B 217 -8.48 0.53 -7.61
C ASN B 217 -9.71 1.43 -7.44
N LEU B 218 -9.69 2.26 -6.39
CA LEU B 218 -10.79 3.17 -6.12
C LEU B 218 -10.95 4.15 -7.28
N ALA B 219 -9.84 4.65 -7.80
CA ALA B 219 -9.88 5.57 -8.94
C ALA B 219 -10.60 4.81 -10.07
N SER B 220 -10.23 3.54 -10.23
CA SER B 220 -10.82 2.67 -11.25
C SER B 220 -12.32 2.48 -10.99
N GLU B 221 -12.66 2.20 -9.75
CA GLU B 221 -14.05 2.02 -9.36
C GLU B 221 -14.91 3.22 -9.72
N GLN B 222 -14.50 4.42 -9.29
CA GLN B 222 -15.29 5.62 -9.56
C GLN B 222 -15.47 5.88 -11.05
N ALA B 223 -14.41 5.63 -11.81
CA ALA B 223 -14.47 5.80 -13.26
C ALA B 223 -15.49 4.79 -13.84
N ALA B 224 -15.38 3.54 -13.42
CA ALA B 224 -16.27 2.47 -13.90
C ALA B 224 -17.72 2.76 -13.53
N ARG B 225 -17.94 3.30 -12.33
CA ARG B 225 -19.29 3.61 -11.89
C ARG B 225 -19.93 4.73 -12.69
N MET B 226 -19.15 5.76 -13.04
CA MET B 226 -19.73 6.86 -13.81
C MET B 226 -20.15 6.29 -15.16
N VAL B 227 -19.34 5.37 -15.69
CA VAL B 227 -19.66 4.74 -16.96
C VAL B 227 -20.95 3.91 -16.77
N ALA B 228 -21.04 3.13 -15.70
CA ALA B 228 -22.24 2.32 -15.44
C ALA B 228 -23.45 3.22 -15.23
N MET B 229 -23.25 4.31 -14.47
CA MET B 229 -24.30 5.28 -14.21
C MET B 229 -24.75 5.71 -15.60
N LYS B 230 -23.77 5.69 -16.51
CA LYS B 230 -23.97 6.03 -17.92
C LYS B 230 -24.65 7.37 -18.10
#